data_4QKX
#
_entry.id   4QKX
#
_cell.length_a   49.558
_cell.length_b   67.211
_cell.length_c   301.269
_cell.angle_alpha   90.000
_cell.angle_beta   90.000
_cell.angle_gamma   90.000
#
_symmetry.space_group_name_H-M   'P 21 21 21'
#
loop_
_entity.id
_entity.type
_entity.pdbx_description
1 polymer 'Beta-2 adrenergic receptor'
2 polymer 'R9 protein'
3 non-polymer 'SODIUM ION'
4 non-polymer 4-[(1R)-1-hydroxy-2-({2-[3-methoxy-4-(2-sulfanylethoxy)phenyl]ethyl}amino)ethyl]benzene-1,2-diol
#
loop_
_entity_poly.entity_id
_entity_poly.type
_entity_poly.pdbx_seq_one_letter_code
_entity_poly.pdbx_strand_id
1 'polypeptide(L)'
;DYKDDDDAENLYFQGNIFEMLRIDEGLRLKIYKDTEGYYTIGIGHLLTKSPSLNAAKSELDKAIGRNTNGVITKDEAEKL
FNQDVDAAVRGILRNAKLKPVYDSLDAVRRAALINMVFQMGETGVAGFTNSLRMLQQKRWDEAAVNLAKSRWYNQTPNRA
KRVITTFRTGTWDAYAADEVWVVGMGIVMSLIVLAIVFGNVLVITAIAKFERLQTVTNYFITSLACADLVMGLAVVPFGA
ACILTKTWTFGNFWCEFWTSIDVLCVTASIETLCVIAVDRYFAITSPFKYQSLLTKNKARVIILMVWIVSGLTSFLPIQM
HWYRATHQEAINCYAEETCCDFFTNQAYAIASSIVSFYVPLVIMVFVYSRVFQEAKRQLQKIDKFALKEHKALKTLGIIM
GTFTLCWLPFFIVNIVHVIQDNLIRKEVYILLNWIGYVNSGFNPLIYCRSPDFRIAFQELLCLRRSSLK
;
A
2 'polypeptide(L)'
;QVQLQESGGGLVQAGGSLRLSCAASGSIFALNIMGWYRQAPGKQRELVAAIHSGGTTNYANSVKGRFTISRDNAANTVYL
QMNSLKPEDTAVYYCNVKDFGAIIYDYDYWGQGTQVTVSS
;
B
#
loop_
_chem_comp.id
_chem_comp.type
_chem_comp.name
_chem_comp.formula
35V non-polymer 4-[(1R)-1-hydroxy-2-({2-[3-methoxy-4-(2-sulfanylethoxy)phenyl]ethyl}amino)ethyl]benzene-1,2-diol 'C19 H25 N O5 S'
NA non-polymer 'SODIUM ION' 'Na 1'
#
# COMPACT_ATOMS: atom_id res chain seq x y z
N ASP A 7 6.51 -12.28 -42.91
CA ASP A 7 7.91 -11.89 -42.92
C ASP A 7 8.68 -12.53 -41.75
N ALA A 8 8.12 -13.62 -41.22
CA ALA A 8 8.70 -14.33 -40.08
C ALA A 8 8.96 -13.41 -38.89
N GLU A 9 7.95 -12.64 -38.51
CA GLU A 9 8.07 -11.68 -37.43
C GLU A 9 7.07 -11.93 -36.31
N ASN A 10 7.55 -12.53 -35.22
CA ASN A 10 6.72 -12.76 -34.05
C ASN A 10 7.33 -12.22 -32.76
N LEU A 11 8.08 -11.12 -32.88
CA LEU A 11 8.49 -10.34 -31.72
C LEU A 11 7.25 -9.55 -31.30
N TYR A 12 7.31 -8.87 -30.16
CA TYR A 12 6.12 -8.19 -29.66
C TYR A 12 5.65 -7.03 -30.54
N PHE A 13 6.48 -6.01 -30.69
CA PHE A 13 6.08 -4.83 -31.45
C PHE A 13 6.39 -4.96 -32.95
N GLN A 14 5.46 -4.49 -33.77
CA GLN A 14 5.61 -4.53 -35.22
C GLN A 14 5.32 -3.17 -35.84
N GLY A 15 5.45 -3.10 -37.17
CA GLY A 15 5.17 -1.87 -37.88
C GLY A 15 3.76 -1.87 -38.46
N ASN A 16 2.81 -1.37 -37.69
CA ASN A 16 1.42 -1.30 -38.15
C ASN A 16 0.64 -0.13 -37.55
N ILE A 17 -0.42 0.26 -38.22
CA ILE A 17 -1.28 1.35 -37.78
C ILE A 17 -2.12 0.94 -36.57
N PHE A 18 -2.42 -0.35 -36.48
CA PHE A 18 -3.29 -0.88 -35.43
C PHE A 18 -2.73 -0.68 -34.03
N GLU A 19 -1.47 -1.06 -33.83
CA GLU A 19 -0.83 -0.89 -32.53
C GLU A 19 -0.54 0.58 -32.25
N MET A 20 -0.39 1.35 -33.33
CA MET A 20 -0.13 2.78 -33.23
C MET A 20 -1.34 3.54 -32.67
N LEU A 21 -2.53 3.22 -33.19
CA LEU A 21 -3.74 3.90 -32.79
C LEU A 21 -4.18 3.52 -31.37
N ARG A 22 -3.90 2.28 -30.98
CA ARG A 22 -4.27 1.79 -29.65
C ARG A 22 -3.56 2.59 -28.56
N ILE A 23 -2.35 3.07 -28.86
CA ILE A 23 -1.62 3.89 -27.90
C ILE A 23 -2.20 5.30 -27.86
N ASP A 24 -2.50 5.86 -29.02
CA ASP A 24 -3.11 7.18 -29.11
C ASP A 24 -4.53 7.16 -28.56
N GLU A 25 -5.34 6.22 -29.05
CA GLU A 25 -6.72 6.07 -28.62
C GLU A 25 -6.85 4.88 -27.70
N GLY A 26 -7.13 5.13 -26.42
CA GLY A 26 -7.30 4.06 -25.46
C GLY A 26 -8.55 3.24 -25.73
N LEU A 27 -8.67 2.10 -25.05
CA LEU A 27 -9.85 1.26 -25.19
C LEU A 27 -10.87 1.54 -24.09
N ARG A 28 -12.01 2.11 -24.48
CA ARG A 28 -13.09 2.40 -23.53
C ARG A 28 -14.41 1.83 -24.03
N LEU A 29 -14.98 0.92 -23.25
CA LEU A 29 -16.21 0.23 -23.64
C LEU A 29 -17.47 1.10 -23.50
N LYS A 30 -17.41 2.08 -22.60
CA LYS A 30 -18.52 2.98 -22.38
C LYS A 30 -18.30 4.29 -23.13
N ILE A 31 -19.40 4.93 -23.53
CA ILE A 31 -19.33 6.19 -24.27
C ILE A 31 -18.62 7.28 -23.47
N TYR A 32 -17.74 8.03 -24.13
CA TYR A 32 -17.01 9.12 -23.50
C TYR A 32 -16.88 10.31 -24.44
N LYS A 33 -16.22 11.36 -23.97
CA LYS A 33 -15.99 12.54 -24.80
C LYS A 33 -14.51 12.77 -25.06
N ASP A 34 -14.16 13.11 -26.29
CA ASP A 34 -12.77 13.39 -26.65
C ASP A 34 -12.36 14.79 -26.19
N THR A 35 -11.18 15.22 -26.63
CA THR A 35 -10.67 16.54 -26.29
C THR A 35 -11.52 17.65 -26.93
N GLU A 36 -12.22 17.30 -28.00
CA GLU A 36 -13.13 18.22 -28.66
C GLU A 36 -14.45 18.32 -27.90
N GLY A 37 -15.02 17.16 -27.58
CA GLY A 37 -16.27 17.11 -26.84
C GLY A 37 -17.31 16.23 -27.51
N TYR A 38 -16.91 15.55 -28.58
CA TYR A 38 -17.80 14.67 -29.32
C TYR A 38 -17.92 13.31 -28.65
N TYR A 39 -19.06 12.66 -28.84
CA TYR A 39 -19.29 11.34 -28.24
C TYR A 39 -18.55 10.25 -28.98
N THR A 40 -17.70 9.53 -28.26
CA THR A 40 -16.85 8.49 -28.86
C THR A 40 -16.92 7.22 -28.01
N ILE A 41 -16.80 6.07 -28.67
CA ILE A 41 -16.78 4.80 -27.97
C ILE A 41 -15.71 3.88 -28.55
N GLY A 42 -15.25 2.91 -27.76
CA GLY A 42 -14.26 1.95 -28.21
C GLY A 42 -12.89 2.57 -28.41
N ILE A 43 -12.31 2.34 -29.58
CA ILE A 43 -11.00 2.89 -29.90
C ILE A 43 -11.11 4.03 -30.91
N GLY A 44 -11.44 5.21 -30.43
CA GLY A 44 -11.52 6.40 -31.27
C GLY A 44 -12.64 6.39 -32.29
N HIS A 45 -13.64 5.54 -32.08
CA HIS A 45 -14.76 5.45 -33.00
C HIS A 45 -15.79 6.56 -32.76
N LEU A 46 -15.80 7.54 -33.64
CA LEU A 46 -16.74 8.65 -33.53
C LEU A 46 -18.17 8.18 -33.79
N LEU A 47 -19.07 8.54 -32.87
CA LEU A 47 -20.47 8.17 -33.00
C LEU A 47 -21.25 9.29 -33.68
N THR A 48 -21.19 10.49 -33.10
CA THR A 48 -21.85 11.66 -33.66
C THR A 48 -21.29 12.94 -33.06
N LYS A 49 -21.53 14.05 -33.75
CA LYS A 49 -21.15 15.37 -33.24
C LYS A 49 -22.32 16.00 -32.51
N SER A 50 -23.42 15.28 -32.43
CA SER A 50 -24.61 15.74 -31.73
C SER A 50 -24.38 15.78 -30.22
N PRO A 51 -24.72 16.90 -29.58
CA PRO A 51 -24.55 17.10 -28.14
C PRO A 51 -25.46 16.20 -27.30
N SER A 52 -26.41 15.53 -27.93
CA SER A 52 -27.32 14.65 -27.22
C SER A 52 -26.74 13.24 -27.08
N LEU A 53 -26.73 12.73 -25.86
CA LEU A 53 -26.21 11.39 -25.59
C LEU A 53 -27.09 10.32 -26.20
N ASN A 54 -28.40 10.57 -26.21
CA ASN A 54 -29.35 9.62 -26.79
C ASN A 54 -29.16 9.49 -28.30
N ALA A 55 -28.69 10.57 -28.93
CA ALA A 55 -28.40 10.56 -30.35
C ALA A 55 -27.16 9.71 -30.61
N ALA A 56 -26.24 9.70 -29.67
CA ALA A 56 -25.03 8.89 -29.77
C ALA A 56 -25.39 7.41 -29.59
N LYS A 57 -26.33 7.15 -28.69
CA LYS A 57 -26.77 5.78 -28.43
C LYS A 57 -27.43 5.17 -29.66
N SER A 58 -28.26 5.97 -30.33
CA SER A 58 -28.97 5.51 -31.52
C SER A 58 -28.01 5.15 -32.65
N GLU A 59 -27.04 6.03 -32.89
CA GLU A 59 -26.03 5.79 -33.92
C GLU A 59 -25.17 4.60 -33.57
N LEU A 60 -24.91 4.43 -32.28
CA LEU A 60 -24.12 3.31 -31.78
C LEU A 60 -24.85 1.98 -31.98
N ASP A 61 -26.14 1.98 -31.67
CA ASP A 61 -26.96 0.77 -31.79
C ASP A 61 -27.23 0.41 -33.24
N LYS A 62 -27.14 1.40 -34.13
CA LYS A 62 -27.30 1.18 -35.55
C LYS A 62 -26.01 0.63 -36.15
N ALA A 63 -24.90 0.86 -35.46
CA ALA A 63 -23.60 0.38 -35.90
C ALA A 63 -23.35 -1.05 -35.43
N ILE A 64 -23.73 -1.32 -34.18
CA ILE A 64 -23.56 -2.66 -33.62
C ILE A 64 -24.67 -3.59 -34.08
N GLY A 65 -25.90 -3.11 -34.04
CA GLY A 65 -27.04 -3.90 -34.48
C GLY A 65 -27.87 -4.43 -33.33
N ARG A 66 -27.66 -3.87 -32.15
CA ARG A 66 -28.40 -4.29 -30.97
C ARG A 66 -28.48 -3.14 -29.98
N ASN A 67 -29.32 -3.30 -28.95
CA ASN A 67 -29.39 -2.32 -27.88
C ASN A 67 -28.18 -2.48 -26.96
N THR A 68 -27.32 -1.48 -26.94
CA THR A 68 -26.06 -1.58 -26.22
C THR A 68 -26.06 -0.80 -24.91
N ASN A 69 -27.02 0.11 -24.75
CA ASN A 69 -27.08 1.00 -23.59
C ASN A 69 -25.81 1.81 -23.40
N GLY A 70 -25.16 2.16 -24.50
CA GLY A 70 -23.95 2.95 -24.45
C GLY A 70 -22.73 2.17 -24.00
N VAL A 71 -22.85 0.84 -23.98
CA VAL A 71 -21.76 -0.02 -23.55
C VAL A 71 -21.62 -1.24 -24.47
N ILE A 72 -20.45 -1.40 -25.07
CA ILE A 72 -20.17 -2.54 -25.93
C ILE A 72 -19.15 -3.48 -25.30
N THR A 73 -18.80 -4.54 -26.02
CA THR A 73 -17.83 -5.52 -25.55
C THR A 73 -16.51 -5.40 -26.31
N LYS A 74 -15.52 -6.19 -25.89
CA LYS A 74 -14.21 -6.18 -26.52
C LYS A 74 -14.28 -6.65 -27.97
N ASP A 75 -15.08 -7.69 -28.20
CA ASP A 75 -15.27 -8.24 -29.53
C ASP A 75 -15.86 -7.18 -30.46
N GLU A 76 -16.80 -6.42 -29.95
CA GLU A 76 -17.46 -5.38 -30.72
C GLU A 76 -16.59 -4.15 -30.88
N ALA A 77 -15.71 -3.92 -29.90
CA ALA A 77 -14.80 -2.78 -29.94
C ALA A 77 -13.71 -2.99 -30.99
N GLU A 78 -13.18 -4.20 -31.05
CA GLU A 78 -12.14 -4.53 -32.02
C GLU A 78 -12.70 -4.54 -33.43
N LYS A 79 -13.91 -5.06 -33.59
CA LYS A 79 -14.56 -5.11 -34.88
C LYS A 79 -14.79 -3.72 -35.45
N LEU A 80 -15.19 -2.78 -34.59
CA LEU A 80 -15.37 -1.39 -35.01
C LEU A 80 -14.04 -0.75 -35.35
N PHE A 81 -12.99 -1.11 -34.61
CA PHE A 81 -11.67 -0.54 -34.81
C PHE A 81 -11.12 -0.87 -36.19
N ASN A 82 -11.16 -2.15 -36.55
CA ASN A 82 -10.71 -2.60 -37.86
C ASN A 82 -11.57 -2.02 -38.98
N GLN A 83 -12.87 -1.86 -38.71
CA GLN A 83 -13.77 -1.24 -39.67
C GLN A 83 -13.39 0.21 -39.91
N ASP A 84 -12.98 0.91 -38.85
CA ASP A 84 -12.60 2.31 -38.95
C ASP A 84 -11.26 2.48 -39.65
N VAL A 85 -10.32 1.59 -39.35
CA VAL A 85 -9.00 1.63 -39.99
C VAL A 85 -9.11 1.31 -41.47
N ASP A 86 -9.89 0.28 -41.80
CA ASP A 86 -10.14 -0.08 -43.19
C ASP A 86 -10.82 1.06 -43.93
N ALA A 87 -11.75 1.72 -43.25
CA ALA A 87 -12.45 2.87 -43.83
C ALA A 87 -11.50 4.05 -44.00
N ALA A 88 -10.49 4.12 -43.14
CA ALA A 88 -9.49 5.17 -43.23
C ALA A 88 -8.63 4.96 -44.47
N VAL A 89 -8.18 3.73 -44.66
CA VAL A 89 -7.35 3.39 -45.81
C VAL A 89 -8.12 3.55 -47.11
N ARG A 90 -9.34 3.02 -47.15
CA ARG A 90 -10.20 3.13 -48.34
C ARG A 90 -10.54 4.58 -48.64
N GLY A 91 -10.46 5.44 -47.63
CA GLY A 91 -10.68 6.86 -47.81
C GLY A 91 -9.47 7.53 -48.41
N ILE A 92 -8.29 7.05 -48.03
CA ILE A 92 -7.04 7.58 -48.56
C ILE A 92 -6.88 7.23 -50.04
N LEU A 93 -7.21 5.98 -50.37
CA LEU A 93 -7.07 5.49 -51.74
C LEU A 93 -8.09 6.11 -52.68
N ARG A 94 -9.20 6.59 -52.12
CA ARG A 94 -10.28 7.16 -52.93
C ARG A 94 -10.20 8.68 -53.01
N ASN A 95 -9.07 9.24 -52.61
CA ASN A 95 -8.88 10.68 -52.64
C ASN A 95 -7.78 11.11 -53.63
N ALA A 96 -7.90 12.33 -54.15
CA ALA A 96 -6.99 12.82 -55.18
C ALA A 96 -5.68 13.35 -54.60
N LYS A 97 -5.71 13.81 -53.35
CA LYS A 97 -4.52 14.36 -52.72
C LYS A 97 -3.80 13.33 -51.86
N LEU A 98 -4.56 12.43 -51.25
CA LEU A 98 -4.01 11.48 -50.29
C LEU A 98 -3.21 10.36 -50.95
N LYS A 99 -3.79 9.74 -51.99
CA LYS A 99 -3.16 8.60 -52.65
C LYS A 99 -1.79 8.86 -53.28
N PRO A 100 -1.62 10.01 -54.00
CA PRO A 100 -0.28 10.30 -54.52
C PRO A 100 0.77 10.38 -53.43
N VAL A 101 0.36 10.77 -52.22
CA VAL A 101 1.26 10.83 -51.08
C VAL A 101 1.40 9.45 -50.44
N TYR A 102 0.26 8.78 -50.27
CA TYR A 102 0.23 7.48 -49.61
C TYR A 102 1.11 6.44 -50.31
N ASP A 103 1.07 6.43 -51.64
CA ASP A 103 1.87 5.51 -52.42
C ASP A 103 3.37 5.81 -52.27
N SER A 104 3.69 7.10 -52.26
CA SER A 104 5.09 7.53 -52.19
C SER A 104 5.65 7.51 -50.77
N LEU A 105 4.91 6.88 -49.86
CA LEU A 105 5.36 6.75 -48.47
C LEU A 105 5.77 5.32 -48.15
N ASP A 106 6.73 5.16 -47.26
CA ASP A 106 7.13 3.84 -46.79
C ASP A 106 6.06 3.26 -45.89
N ALA A 107 6.22 2.00 -45.48
CA ALA A 107 5.23 1.32 -44.66
C ALA A 107 4.95 2.04 -43.34
N VAL A 108 6.01 2.58 -42.74
CA VAL A 108 5.88 3.28 -41.46
C VAL A 108 5.15 4.62 -41.64
N ARG A 109 5.62 5.42 -42.59
CA ARG A 109 5.01 6.72 -42.85
C ARG A 109 3.58 6.60 -43.39
N ARG A 110 3.29 5.48 -44.04
CA ARG A 110 1.93 5.22 -44.51
C ARG A 110 1.00 5.12 -43.31
N ALA A 111 1.46 4.44 -42.28
CA ALA A 111 0.68 4.28 -41.05
C ALA A 111 0.43 5.64 -40.40
N ALA A 112 1.45 6.50 -40.42
CA ALA A 112 1.34 7.83 -39.83
C ALA A 112 0.26 8.65 -40.53
N LEU A 113 0.10 8.44 -41.83
CA LEU A 113 -0.91 9.14 -42.60
C LEU A 113 -2.30 8.60 -42.28
N ILE A 114 -2.41 7.29 -42.11
CA ILE A 114 -3.67 6.66 -41.75
C ILE A 114 -4.14 7.14 -40.38
N ASN A 115 -3.18 7.36 -39.48
CA ASN A 115 -3.46 7.88 -38.16
C ASN A 115 -4.25 9.19 -38.21
N MET A 116 -3.79 10.12 -39.02
CA MET A 116 -4.47 11.41 -39.16
C MET A 116 -5.86 11.23 -39.77
N VAL A 117 -5.94 10.37 -40.79
CA VAL A 117 -7.21 10.09 -41.44
C VAL A 117 -8.17 9.40 -40.48
N PHE A 118 -7.62 8.54 -39.62
CA PHE A 118 -8.41 7.86 -38.61
C PHE A 118 -8.97 8.85 -37.61
N GLN A 119 -8.26 9.96 -37.41
CA GLN A 119 -8.67 10.95 -36.43
C GLN A 119 -9.58 12.03 -36.99
N MET A 120 -9.14 12.72 -38.04
CA MET A 120 -9.89 13.86 -38.56
C MET A 120 -10.48 13.66 -39.96
N GLY A 121 -10.77 12.41 -40.30
CA GLY A 121 -11.47 12.10 -41.53
C GLY A 121 -10.67 12.25 -42.81
N GLU A 122 -11.20 11.68 -43.88
CA GLU A 122 -10.56 11.71 -45.20
C GLU A 122 -10.39 13.14 -45.72
N THR A 123 -11.48 13.89 -45.74
CA THR A 123 -11.47 15.23 -46.31
C THR A 123 -10.63 16.19 -45.49
N GLY A 124 -10.54 15.95 -44.19
CA GLY A 124 -9.78 16.81 -43.29
C GLY A 124 -8.29 16.80 -43.57
N VAL A 125 -7.72 15.60 -43.65
CA VAL A 125 -6.29 15.44 -43.91
C VAL A 125 -5.93 16.00 -45.29
N ALA A 126 -6.86 15.89 -46.23
CA ALA A 126 -6.66 16.43 -47.57
C ALA A 126 -6.55 17.95 -47.55
N GLY A 127 -6.99 18.55 -46.45
CA GLY A 127 -6.90 19.99 -46.27
C GLY A 127 -5.45 20.44 -46.19
N PHE A 128 -4.58 19.57 -45.69
CA PHE A 128 -3.16 19.87 -45.61
C PHE A 128 -2.54 19.84 -47.00
N THR A 129 -2.64 20.95 -47.72
CA THR A 129 -2.09 21.03 -49.06
C THR A 129 -0.57 21.08 -49.06
N ASN A 130 -0.01 21.97 -48.25
CA ASN A 130 1.44 22.11 -48.15
C ASN A 130 2.13 20.90 -47.54
N SER A 131 1.60 20.44 -46.41
CA SER A 131 2.19 19.31 -45.69
C SER A 131 2.26 18.04 -46.53
N LEU A 132 1.19 17.78 -47.28
CA LEU A 132 1.15 16.58 -48.11
C LEU A 132 2.10 16.67 -49.30
N ARG A 133 2.26 17.87 -49.86
CA ARG A 133 3.17 18.06 -50.97
C ARG A 133 4.61 17.81 -50.51
N MET A 134 4.91 18.23 -49.29
CA MET A 134 6.24 18.04 -48.72
C MET A 134 6.52 16.58 -48.39
N LEU A 135 5.50 15.86 -47.93
CA LEU A 135 5.64 14.44 -47.67
C LEU A 135 5.76 13.67 -48.98
N GLN A 136 5.27 14.27 -50.06
CA GLN A 136 5.30 13.66 -51.38
C GLN A 136 6.67 13.82 -52.01
N GLN A 137 7.33 14.94 -51.70
CA GLN A 137 8.66 15.21 -52.22
C GLN A 137 9.73 14.78 -51.21
N LYS A 138 9.29 14.02 -50.21
CA LYS A 138 10.17 13.47 -49.19
C LYS A 138 10.95 14.52 -48.40
N ARG A 139 10.30 15.66 -48.15
CA ARG A 139 10.87 16.72 -47.35
C ARG A 139 10.32 16.65 -45.93
N TRP A 140 10.74 15.62 -45.19
CA TRP A 140 10.13 15.28 -43.91
C TRP A 140 10.26 16.39 -42.85
N ASP A 141 11.45 16.94 -42.71
CA ASP A 141 11.71 17.93 -41.66
C ASP A 141 10.92 19.22 -41.86
N GLU A 142 10.66 19.58 -43.11
CA GLU A 142 9.88 20.78 -43.41
C GLU A 142 8.39 20.52 -43.16
N ALA A 143 7.94 19.30 -43.47
CA ALA A 143 6.57 18.91 -43.22
C ALA A 143 6.33 18.69 -41.74
N ALA A 144 7.40 18.37 -41.01
CA ALA A 144 7.32 18.17 -39.57
C ALA A 144 7.09 19.49 -38.86
N VAL A 145 7.72 20.55 -39.37
CA VAL A 145 7.58 21.89 -38.80
C VAL A 145 6.22 22.47 -39.17
N ASN A 146 5.84 22.31 -40.43
CA ASN A 146 4.60 22.85 -40.95
C ASN A 146 3.36 22.28 -40.27
N LEU A 147 3.39 20.98 -39.98
CA LEU A 147 2.28 20.31 -39.32
C LEU A 147 2.13 20.75 -37.86
N ALA A 148 3.19 21.32 -37.31
CA ALA A 148 3.19 21.77 -35.92
C ALA A 148 2.57 23.16 -35.78
N LYS A 149 2.03 23.68 -36.88
CA LYS A 149 1.41 25.00 -36.86
C LYS A 149 -0.09 24.90 -37.12
N SER A 150 -0.60 23.67 -37.16
CA SER A 150 -2.01 23.43 -37.44
C SER A 150 -2.83 23.43 -36.16
N ARG A 151 -4.15 23.49 -36.32
CA ARG A 151 -5.06 23.45 -35.18
C ARG A 151 -5.09 22.06 -34.57
N TRP A 152 -4.74 21.08 -35.39
CA TRP A 152 -4.63 19.69 -34.93
C TRP A 152 -3.53 19.55 -33.90
N TYR A 153 -2.50 20.39 -34.03
CA TYR A 153 -1.38 20.39 -33.10
C TYR A 153 -1.74 21.09 -31.79
N ASN A 154 -2.56 22.13 -31.90
CA ASN A 154 -2.94 22.91 -30.72
C ASN A 154 -3.95 22.19 -29.83
N GLN A 155 -4.74 21.31 -30.42
CA GLN A 155 -5.80 20.61 -29.69
C GLN A 155 -5.34 19.28 -29.12
N THR A 156 -4.55 18.54 -29.88
CA THR A 156 -3.98 17.28 -29.40
C THR A 156 -2.47 17.26 -29.60
N PRO A 157 -1.74 18.04 -28.79
CA PRO A 157 -0.29 18.20 -28.96
C PRO A 157 0.51 16.93 -28.69
N ASN A 158 0.01 16.09 -27.78
CA ASN A 158 0.70 14.86 -27.43
C ASN A 158 0.70 13.86 -28.58
N ARG A 159 -0.48 13.63 -29.15
CA ARG A 159 -0.61 12.69 -30.26
C ARG A 159 0.04 13.23 -31.53
N ALA A 160 -0.09 14.54 -31.75
CA ALA A 160 0.49 15.17 -32.92
C ALA A 160 2.01 15.04 -32.92
N LYS A 161 2.62 15.31 -31.77
CA LYS A 161 4.08 15.24 -31.64
C LYS A 161 4.60 13.85 -31.97
N ARG A 162 3.83 12.82 -31.63
CA ARG A 162 4.22 11.43 -31.90
C ARG A 162 4.07 11.10 -33.38
N VAL A 163 2.96 11.54 -33.98
CA VAL A 163 2.71 11.31 -35.39
C VAL A 163 3.70 12.07 -36.26
N ILE A 164 3.94 13.33 -35.89
CA ILE A 164 4.89 14.17 -36.62
C ILE A 164 6.30 13.59 -36.57
N THR A 165 6.69 13.08 -35.40
CA THR A 165 7.99 12.44 -35.24
C THR A 165 8.12 11.22 -36.15
N THR A 166 7.08 10.40 -36.17
CA THR A 166 7.05 9.21 -37.03
C THR A 166 7.16 9.61 -38.49
N PHE A 167 6.55 10.74 -38.85
CA PHE A 167 6.66 11.28 -40.19
C PHE A 167 8.10 11.72 -40.47
N ARG A 168 8.75 12.26 -39.45
CA ARG A 168 10.09 12.81 -39.60
C ARG A 168 11.16 11.72 -39.69
N THR A 169 11.26 10.88 -38.66
CA THR A 169 12.30 9.85 -38.61
C THR A 169 12.02 8.72 -39.60
N GLY A 170 10.76 8.31 -39.69
CA GLY A 170 10.39 7.19 -40.53
C GLY A 170 10.42 5.89 -39.76
N THR A 171 10.62 5.99 -38.45
CA THR A 171 10.65 4.83 -37.57
C THR A 171 9.58 4.94 -36.49
N TRP A 172 9.54 3.98 -35.59
CA TRP A 172 8.53 3.95 -34.54
C TRP A 172 9.08 4.38 -33.19
N ASP A 173 10.04 5.30 -33.21
CA ASP A 173 10.70 5.75 -31.99
C ASP A 173 9.76 6.37 -30.96
N ALA A 174 8.69 6.99 -31.44
CA ALA A 174 7.74 7.65 -30.56
C ALA A 174 6.81 6.66 -29.85
N TYR A 175 6.65 5.48 -30.44
CA TYR A 175 5.73 4.49 -29.90
C TYR A 175 6.46 3.27 -29.32
N ALA A 176 7.69 3.04 -29.76
CA ALA A 176 8.48 1.91 -29.28
C ALA A 176 8.91 2.09 -27.83
N ALA A 177 8.84 3.33 -27.35
CA ALA A 177 9.20 3.63 -25.97
C ALA A 177 8.16 3.09 -24.99
N ASP A 178 7.02 2.68 -25.54
CA ASP A 178 5.94 2.12 -24.72
C ASP A 178 6.26 0.70 -24.27
N GLU A 179 7.01 -0.03 -25.10
CA GLU A 179 7.30 -1.42 -24.83
C GLU A 179 8.33 -1.63 -23.71
N VAL A 180 9.26 -0.68 -23.58
CA VAL A 180 10.26 -0.74 -22.53
C VAL A 180 9.60 -0.68 -21.15
N TRP A 181 8.54 0.13 -21.05
CA TRP A 181 7.80 0.26 -19.80
C TRP A 181 6.91 -0.94 -19.51
N VAL A 182 6.63 -1.73 -20.54
CA VAL A 182 5.81 -2.93 -20.37
C VAL A 182 6.53 -3.95 -19.50
N VAL A 183 7.75 -4.30 -19.90
CA VAL A 183 8.56 -5.24 -19.15
C VAL A 183 9.25 -4.51 -18.00
N GLY A 184 9.39 -3.20 -18.15
CA GLY A 184 10.01 -2.36 -17.13
C GLY A 184 9.25 -2.34 -15.83
N MET A 185 7.92 -2.41 -15.92
CA MET A 185 7.07 -2.45 -14.73
C MET A 185 6.82 -3.89 -14.32
N GLY A 186 7.08 -4.82 -15.23
CA GLY A 186 6.92 -6.23 -14.95
C GLY A 186 7.98 -6.74 -14.00
N ILE A 187 9.22 -6.31 -14.22
CA ILE A 187 10.34 -6.72 -13.37
C ILE A 187 10.22 -6.09 -11.98
N VAL A 188 9.54 -4.95 -11.90
CA VAL A 188 9.28 -4.30 -10.62
C VAL A 188 8.28 -5.13 -9.82
N MET A 189 7.19 -5.52 -10.49
CA MET A 189 6.17 -6.37 -9.89
C MET A 189 6.76 -7.70 -9.45
N SER A 190 7.73 -8.19 -10.22
CA SER A 190 8.41 -9.44 -9.90
C SER A 190 9.15 -9.33 -8.57
N LEU A 191 9.68 -8.14 -8.29
CA LEU A 191 10.40 -7.90 -7.04
C LEU A 191 9.45 -7.69 -5.87
N ILE A 192 8.34 -7.01 -6.14
CA ILE A 192 7.34 -6.74 -5.12
C ILE A 192 6.82 -8.04 -4.50
N VAL A 193 6.49 -9.00 -5.36
CA VAL A 193 5.99 -10.30 -4.90
C VAL A 193 7.00 -11.00 -4.00
N LEU A 194 8.25 -11.03 -4.44
CA LEU A 194 9.30 -11.70 -3.67
C LEU A 194 9.51 -11.07 -2.31
N ALA A 195 9.52 -9.73 -2.27
CA ALA A 195 9.75 -9.00 -1.03
C ALA A 195 8.67 -9.28 0.00
N ILE A 196 7.43 -9.37 -0.47
CA ILE A 196 6.29 -9.60 0.41
C ILE A 196 6.25 -11.04 0.92
N VAL A 197 6.40 -11.99 0.02
CA VAL A 197 6.37 -13.40 0.39
C VAL A 197 7.52 -13.76 1.32
N PHE A 198 8.74 -13.59 0.83
CA PHE A 198 9.93 -13.91 1.61
C PHE A 198 10.02 -13.09 2.89
N GLY A 199 9.58 -11.84 2.83
CA GLY A 199 9.62 -10.94 3.97
C GLY A 199 8.74 -11.39 5.11
N ASN A 200 7.48 -11.65 4.82
CA ASN A 200 6.52 -12.02 5.86
C ASN A 200 6.70 -13.45 6.38
N VAL A 201 7.19 -14.34 5.53
CA VAL A 201 7.49 -15.71 5.96
C VAL A 201 8.59 -15.67 7.02
N LEU A 202 9.55 -14.78 6.82
CA LEU A 202 10.65 -14.58 7.75
C LEU A 202 10.14 -14.15 9.12
N VAL A 203 9.14 -13.26 9.13
CA VAL A 203 8.56 -12.77 10.38
C VAL A 203 7.80 -13.87 11.11
N ILE A 204 6.96 -14.59 10.38
CA ILE A 204 6.18 -15.68 10.95
C ILE A 204 7.08 -16.79 11.48
N THR A 205 8.12 -17.10 10.73
CA THR A 205 9.07 -18.14 11.12
C THR A 205 9.79 -17.78 12.41
N ALA A 206 10.08 -16.50 12.59
CA ALA A 206 10.81 -16.02 13.76
C ALA A 206 9.98 -16.18 15.05
N ILE A 207 8.72 -15.74 14.99
CA ILE A 207 7.84 -15.80 16.15
C ILE A 207 7.42 -17.24 16.46
N ALA A 208 7.34 -18.06 15.44
CA ALA A 208 6.92 -19.45 15.60
C ALA A 208 8.03 -20.32 16.19
N LYS A 209 9.27 -20.02 15.83
CA LYS A 209 10.40 -20.80 16.31
C LYS A 209 10.90 -20.32 17.67
N PHE A 210 11.36 -19.07 17.72
CA PHE A 210 11.93 -18.50 18.93
C PHE A 210 10.86 -18.23 19.99
N GLU A 211 11.19 -18.54 21.24
CA GLU A 211 10.25 -18.39 22.34
C GLU A 211 10.29 -17.00 22.95
N ARG A 212 11.37 -16.26 22.69
CA ARG A 212 11.53 -14.92 23.24
C ARG A 212 10.67 -13.90 22.50
N LEU A 213 10.20 -14.27 21.31
CA LEU A 213 9.37 -13.38 20.51
C LEU A 213 7.89 -13.69 20.65
N GLN A 214 7.52 -14.37 21.74
CA GLN A 214 6.12 -14.71 21.97
C GLN A 214 5.44 -13.75 22.94
N THR A 215 5.26 -12.51 22.50
CA THR A 215 4.58 -11.50 23.30
C THR A 215 3.25 -11.13 22.65
N VAL A 216 2.41 -10.42 23.39
CA VAL A 216 1.10 -10.00 22.90
C VAL A 216 1.22 -9.15 21.63
N THR A 217 2.14 -8.20 21.64
CA THR A 217 2.38 -7.34 20.49
C THR A 217 2.78 -8.17 19.27
N ASN A 218 3.65 -9.15 19.48
CA ASN A 218 4.11 -10.01 18.40
C ASN A 218 3.02 -10.97 17.91
N TYR A 219 2.05 -11.28 18.78
CA TYR A 219 0.90 -12.07 18.37
C TYR A 219 0.07 -11.28 17.37
N PHE A 220 0.12 -9.95 17.48
CA PHE A 220 -0.55 -9.08 16.53
C PHE A 220 0.30 -8.95 15.27
N ILE A 221 1.62 -8.96 15.45
CA ILE A 221 2.55 -8.92 14.33
C ILE A 221 2.36 -10.16 13.46
N THR A 222 2.14 -11.31 14.10
CA THR A 222 1.90 -12.56 13.40
C THR A 222 0.67 -12.44 12.52
N SER A 223 -0.37 -11.80 13.04
CA SER A 223 -1.60 -11.57 12.29
C SER A 223 -1.33 -10.71 11.06
N LEU A 224 -0.62 -9.61 11.26
CA LEU A 224 -0.27 -8.69 10.18
C LEU A 224 0.59 -9.41 9.13
N ALA A 225 1.53 -10.22 9.60
CA ALA A 225 2.40 -10.97 8.71
C ALA A 225 1.64 -12.06 7.96
N CYS A 226 0.52 -12.49 8.54
CA CYS A 226 -0.32 -13.51 7.91
C CYS A 226 -1.16 -12.91 6.79
N ALA A 227 -1.74 -11.75 7.04
CA ALA A 227 -2.56 -11.07 6.05
C ALA A 227 -1.71 -10.62 4.86
N ASP A 228 -0.48 -10.19 5.16
CA ASP A 228 0.43 -9.73 4.12
C ASP A 228 1.01 -10.89 3.30
N LEU A 229 1.21 -12.03 3.96
CA LEU A 229 1.75 -13.21 3.29
C LEU A 229 0.80 -13.72 2.21
N VAL A 230 -0.45 -13.98 2.59
CA VAL A 230 -1.47 -14.44 1.66
C VAL A 230 -1.66 -13.43 0.54
N MET A 231 -1.57 -12.15 0.89
CA MET A 231 -1.61 -11.07 -0.08
C MET A 231 -0.55 -11.27 -1.17
N GLY A 232 0.66 -11.60 -0.76
CA GLY A 232 1.76 -11.78 -1.68
C GLY A 232 1.75 -13.13 -2.38
N LEU A 233 0.91 -14.04 -1.90
CA LEU A 233 0.81 -15.37 -2.49
C LEU A 233 -0.43 -15.53 -3.35
N ALA A 234 -1.48 -14.78 -3.02
CA ALA A 234 -2.75 -14.91 -3.72
C ALA A 234 -3.13 -13.64 -4.50
N VAL A 235 -3.22 -12.53 -3.79
CA VAL A 235 -3.65 -11.28 -4.41
C VAL A 235 -2.64 -10.73 -5.42
N VAL A 236 -1.50 -10.29 -4.90
CA VAL A 236 -0.47 -9.65 -5.72
C VAL A 236 -0.04 -10.41 -7.00
N PRO A 237 0.22 -11.73 -6.90
CA PRO A 237 0.61 -12.45 -8.13
C PRO A 237 -0.49 -12.45 -9.18
N PHE A 238 -1.68 -12.90 -8.79
CA PHE A 238 -2.81 -12.97 -9.72
C PHE A 238 -3.18 -11.60 -10.27
N GLY A 239 -2.97 -10.56 -9.47
CA GLY A 239 -3.24 -9.20 -9.88
C GLY A 239 -2.30 -8.77 -10.99
N ALA A 240 -1.01 -9.03 -10.80
CA ALA A 240 0.00 -8.67 -11.78
C ALA A 240 -0.14 -9.51 -13.04
N ALA A 241 -0.54 -10.77 -12.87
CA ALA A 241 -0.65 -11.73 -13.96
C ALA A 241 -1.62 -11.27 -15.04
N CYS A 242 -2.62 -10.49 -14.63
CA CYS A 242 -3.65 -10.05 -15.54
C CYS A 242 -3.25 -8.74 -16.22
N ILE A 243 -2.72 -7.80 -15.43
CA ILE A 243 -2.29 -6.49 -15.93
C ILE A 243 -1.29 -6.62 -17.08
N LEU A 244 -0.36 -7.55 -16.94
CA LEU A 244 0.63 -7.80 -17.98
C LEU A 244 -0.01 -8.44 -19.20
N THR A 245 -0.93 -9.37 -18.97
CA THR A 245 -1.57 -10.11 -20.06
C THR A 245 -2.83 -9.43 -20.57
N LYS A 246 -3.16 -8.27 -19.99
CA LYS A 246 -4.30 -7.45 -20.40
C LYS A 246 -5.66 -8.10 -20.18
N THR A 247 -5.68 -9.37 -19.79
CA THR A 247 -6.93 -10.10 -19.56
C THR A 247 -6.86 -11.01 -18.35
N TRP A 248 -8.01 -11.54 -17.95
CA TRP A 248 -8.10 -12.47 -16.82
C TRP A 248 -8.45 -13.86 -17.31
N THR A 249 -7.54 -14.81 -17.13
CA THR A 249 -7.69 -16.14 -17.70
C THR A 249 -7.87 -17.24 -16.65
N PHE A 250 -8.80 -17.03 -15.72
CA PHE A 250 -9.04 -18.03 -14.67
C PHE A 250 -10.52 -18.34 -14.50
N GLY A 251 -11.37 -17.48 -15.02
CA GLY A 251 -12.81 -17.70 -14.97
C GLY A 251 -13.53 -16.80 -13.98
N ASN A 252 -14.86 -16.76 -14.08
CA ASN A 252 -15.67 -15.92 -13.22
C ASN A 252 -15.62 -16.33 -11.76
N PHE A 253 -15.65 -17.64 -11.51
CA PHE A 253 -15.66 -18.15 -10.15
C PHE A 253 -14.42 -17.74 -9.38
N TRP A 254 -13.26 -17.82 -10.02
CA TRP A 254 -12.00 -17.46 -9.39
C TRP A 254 -11.75 -15.96 -9.44
N CYS A 255 -12.53 -15.26 -10.25
CA CYS A 255 -12.44 -13.81 -10.31
C CYS A 255 -12.89 -13.18 -9.00
N GLU A 256 -14.06 -13.60 -8.53
CA GLU A 256 -14.63 -13.08 -7.31
C GLU A 256 -13.96 -13.68 -6.06
N PHE A 257 -13.53 -14.93 -6.17
CA PHE A 257 -12.83 -15.59 -5.08
C PHE A 257 -11.51 -14.89 -4.81
N TRP A 258 -10.79 -14.58 -5.88
CA TRP A 258 -9.54 -13.81 -5.77
C TRP A 258 -9.84 -12.41 -5.26
N THR A 259 -11.00 -11.88 -5.65
CA THR A 259 -11.45 -10.58 -5.17
C THR A 259 -11.80 -10.68 -3.69
N SER A 260 -12.41 -11.79 -3.32
CA SER A 260 -12.79 -12.03 -1.93
C SER A 260 -11.57 -12.09 -1.02
N ILE A 261 -10.54 -12.78 -1.48
CA ILE A 261 -9.28 -12.86 -0.74
C ILE A 261 -8.64 -11.48 -0.60
N ASP A 262 -8.71 -10.71 -1.68
CA ASP A 262 -8.19 -9.34 -1.69
C ASP A 262 -8.79 -8.52 -0.56
N VAL A 263 -10.11 -8.33 -0.62
CA VAL A 263 -10.81 -7.52 0.37
C VAL A 263 -10.61 -8.07 1.77
N LEU A 264 -10.53 -9.39 1.88
CA LEU A 264 -10.33 -10.03 3.18
C LEU A 264 -8.97 -9.66 3.79
N CYS A 265 -7.91 -10.00 3.07
CA CYS A 265 -6.54 -9.78 3.55
C CYS A 265 -6.21 -8.31 3.78
N VAL A 266 -6.67 -7.45 2.88
CA VAL A 266 -6.39 -6.02 2.99
C VAL A 266 -7.06 -5.42 4.22
N THR A 267 -8.30 -5.82 4.46
CA THR A 267 -9.03 -5.36 5.64
C THR A 267 -8.38 -5.87 6.91
N ALA A 268 -8.03 -7.15 6.92
CA ALA A 268 -7.36 -7.76 8.07
C ALA A 268 -6.01 -7.12 8.34
N SER A 269 -5.33 -6.70 7.28
CA SER A 269 -4.00 -6.09 7.42
C SER A 269 -4.07 -4.71 8.04
N ILE A 270 -5.00 -3.89 7.57
CA ILE A 270 -5.14 -2.53 8.06
C ILE A 270 -5.74 -2.49 9.46
N GLU A 271 -6.71 -3.36 9.72
CA GLU A 271 -7.33 -3.43 11.04
C GLU A 271 -6.36 -3.96 12.09
N THR A 272 -5.39 -4.76 11.66
CA THR A 272 -4.36 -5.26 12.57
C THR A 272 -3.37 -4.15 12.91
N LEU A 273 -3.04 -3.33 11.91
CA LEU A 273 -2.23 -2.13 12.15
C LEU A 273 -2.88 -1.25 13.19
N CYS A 274 -4.21 -1.23 13.18
CA CYS A 274 -4.99 -0.48 14.17
C CYS A 274 -4.87 -1.12 15.55
N VAL A 275 -4.95 -2.45 15.60
CA VAL A 275 -4.85 -3.17 16.86
C VAL A 275 -3.47 -3.00 17.49
N ILE A 276 -2.43 -3.11 16.68
CA ILE A 276 -1.06 -2.92 17.13
C ILE A 276 -0.86 -1.51 17.70
N ALA A 277 -1.43 -0.52 17.02
CA ALA A 277 -1.34 0.87 17.47
C ALA A 277 -1.96 1.05 18.86
N VAL A 278 -3.17 0.53 19.03
CA VAL A 278 -3.85 0.58 20.33
C VAL A 278 -3.07 -0.22 21.37
N ASP A 279 -2.54 -1.36 20.93
CA ASP A 279 -1.74 -2.23 21.79
C ASP A 279 -0.55 -1.48 22.38
N ARG A 280 0.19 -0.80 21.51
CA ARG A 280 1.39 -0.09 21.94
C ARG A 280 1.07 1.16 22.77
N TYR A 281 -0.17 1.63 22.68
CA TYR A 281 -0.61 2.73 23.52
C TYR A 281 -0.73 2.27 24.97
N PHE A 282 -1.53 1.24 25.17
CA PHE A 282 -1.74 0.68 26.50
C PHE A 282 -0.46 0.04 27.06
N ALA A 283 0.38 -0.49 26.17
CA ALA A 283 1.63 -1.12 26.60
C ALA A 283 2.63 -0.08 27.09
N ILE A 284 2.37 1.19 26.76
CA ILE A 284 3.25 2.27 27.16
C ILE A 284 2.60 3.18 28.21
N THR A 285 1.37 3.61 27.92
CA THR A 285 0.65 4.50 28.83
C THR A 285 0.34 3.82 30.15
N SER A 286 -0.31 2.65 30.09
CA SER A 286 -0.65 1.90 31.28
C SER A 286 -0.12 0.46 31.21
N PRO A 287 1.21 0.30 31.29
CA PRO A 287 1.86 -0.98 31.04
C PRO A 287 1.55 -2.05 32.09
N PHE A 288 1.27 -1.62 33.32
CA PHE A 288 1.01 -2.56 34.40
C PHE A 288 -0.38 -3.17 34.29
N LYS A 289 -1.35 -2.36 33.87
CA LYS A 289 -2.69 -2.88 33.62
C LYS A 289 -2.73 -3.63 32.30
N TYR A 290 -1.91 -3.20 31.35
CA TYR A 290 -1.83 -3.84 30.04
C TYR A 290 -1.35 -5.28 30.17
N GLN A 291 -0.44 -5.51 31.10
CA GLN A 291 0.17 -6.82 31.27
C GLN A 291 -0.77 -7.78 32.01
N SER A 292 -1.65 -7.21 32.83
CA SER A 292 -2.57 -8.02 33.63
C SER A 292 -3.86 -8.34 32.89
N LEU A 293 -4.43 -7.35 32.21
CA LEU A 293 -5.71 -7.51 31.54
C LEU A 293 -5.60 -8.32 30.25
N LEU A 294 -4.79 -7.84 29.32
CA LEU A 294 -4.67 -8.46 28.00
C LEU A 294 -3.76 -9.68 28.02
N THR A 295 -4.35 -10.86 27.97
CA THR A 295 -3.58 -12.11 27.93
C THR A 295 -3.56 -12.68 26.52
N LYS A 296 -2.82 -13.77 26.33
CA LYS A 296 -2.73 -14.41 25.02
C LYS A 296 -4.09 -14.93 24.56
N ASN A 297 -4.87 -15.43 25.51
CA ASN A 297 -6.23 -15.90 25.21
C ASN A 297 -7.11 -14.75 24.76
N LYS A 298 -7.04 -13.63 25.49
CA LYS A 298 -7.81 -12.44 25.16
C LYS A 298 -7.37 -11.86 23.82
N ALA A 299 -6.06 -11.88 23.57
CA ALA A 299 -5.51 -11.36 22.33
C ALA A 299 -5.89 -12.23 21.14
N ARG A 300 -6.02 -13.54 21.39
CA ARG A 300 -6.45 -14.46 20.34
C ARG A 300 -7.91 -14.23 19.98
N VAL A 301 -8.68 -13.72 20.95
CA VAL A 301 -10.07 -13.36 20.70
C VAL A 301 -10.15 -12.09 19.87
N ILE A 302 -9.27 -11.14 20.17
CA ILE A 302 -9.20 -9.89 19.41
C ILE A 302 -8.88 -10.15 17.95
N ILE A 303 -7.89 -11.00 17.70
CA ILE A 303 -7.49 -11.35 16.34
C ILE A 303 -8.63 -12.03 15.59
N LEU A 304 -9.30 -12.95 16.28
CA LEU A 304 -10.46 -13.66 15.72
C LEU A 304 -11.56 -12.68 15.31
N MET A 305 -11.78 -11.67 16.12
CA MET A 305 -12.77 -10.64 15.82
C MET A 305 -12.42 -9.90 14.53
N VAL A 306 -11.15 -9.54 14.39
CA VAL A 306 -10.68 -8.79 13.22
C VAL A 306 -10.94 -9.55 11.92
N TRP A 307 -10.60 -10.83 11.91
CA TRP A 307 -10.79 -11.66 10.72
C TRP A 307 -12.28 -11.89 10.41
N ILE A 308 -13.11 -11.96 11.44
CA ILE A 308 -14.54 -12.10 11.26
C ILE A 308 -15.14 -10.86 10.60
N VAL A 309 -14.76 -9.69 11.12
CA VAL A 309 -15.17 -8.43 10.53
C VAL A 309 -14.67 -8.31 9.09
N SER A 310 -13.43 -8.73 8.87
CA SER A 310 -12.83 -8.72 7.54
C SER A 310 -13.53 -9.71 6.62
N GLY A 311 -13.89 -10.87 7.17
CA GLY A 311 -14.59 -11.89 6.41
C GLY A 311 -16.02 -11.48 6.11
N LEU A 312 -16.61 -10.72 7.02
CA LEU A 312 -17.98 -10.25 6.85
C LEU A 312 -18.10 -9.16 5.79
N THR A 313 -17.00 -8.46 5.55
CA THR A 313 -17.01 -7.36 4.59
C THR A 313 -16.34 -7.73 3.27
N SER A 314 -15.94 -9.00 3.15
CA SER A 314 -15.28 -9.47 1.94
C SER A 314 -16.01 -10.64 1.31
N PHE A 315 -15.79 -11.84 1.85
CA PHE A 315 -16.40 -13.05 1.29
C PHE A 315 -17.91 -13.05 1.36
N LEU A 316 -18.46 -12.58 2.47
CA LEU A 316 -19.92 -12.57 2.65
C LEU A 316 -20.70 -11.76 1.60
N PRO A 317 -20.33 -10.48 1.39
CA PRO A 317 -21.10 -9.74 0.39
C PRO A 317 -20.78 -10.18 -1.04
N ILE A 318 -19.51 -10.48 -1.30
CA ILE A 318 -19.08 -10.82 -2.65
C ILE A 318 -19.68 -12.14 -3.15
N GLN A 319 -19.57 -13.18 -2.34
CA GLN A 319 -20.10 -14.49 -2.72
C GLN A 319 -21.63 -14.50 -2.82
N MET A 320 -22.26 -13.50 -2.23
CA MET A 320 -23.72 -13.37 -2.29
C MET A 320 -24.13 -12.37 -3.35
N HIS A 321 -23.16 -11.89 -4.14
CA HIS A 321 -23.38 -10.92 -5.20
C HIS A 321 -23.97 -9.60 -4.70
N TRP A 322 -23.75 -9.30 -3.42
CA TRP A 322 -24.25 -8.07 -2.82
C TRP A 322 -23.42 -6.87 -3.24
N TYR A 323 -22.12 -7.09 -3.39
CA TYR A 323 -21.19 -6.02 -3.72
C TYR A 323 -21.39 -5.52 -5.14
N ARG A 324 -22.06 -6.34 -5.95
CA ARG A 324 -22.19 -6.08 -7.39
C ARG A 324 -22.90 -4.77 -7.72
N ALA A 325 -22.47 -4.15 -8.82
CA ALA A 325 -23.11 -2.96 -9.33
C ALA A 325 -24.24 -3.36 -10.29
N THR A 326 -24.94 -2.39 -10.85
CA THR A 326 -26.09 -2.68 -11.69
C THR A 326 -25.98 -2.09 -13.09
N HIS A 327 -25.06 -1.15 -13.29
CA HIS A 327 -24.93 -0.49 -14.59
C HIS A 327 -24.45 -1.46 -15.67
N GLN A 328 -24.72 -1.10 -16.93
CA GLN A 328 -24.51 -2.01 -18.06
C GLN A 328 -23.08 -2.52 -18.18
N GLU A 329 -22.12 -1.67 -17.87
CA GLU A 329 -20.71 -2.05 -17.97
C GLU A 329 -20.35 -3.09 -16.92
N ALA A 330 -21.03 -3.04 -15.78
CA ALA A 330 -20.78 -3.98 -14.70
C ALA A 330 -21.41 -5.34 -14.99
N ILE A 331 -22.62 -5.32 -15.54
CA ILE A 331 -23.33 -6.55 -15.88
C ILE A 331 -22.55 -7.38 -16.89
N ASN A 332 -21.95 -6.70 -17.87
CA ASN A 332 -21.16 -7.36 -18.90
C ASN A 332 -19.93 -8.08 -18.33
N CYS A 333 -19.20 -7.38 -17.46
CA CYS A 333 -18.00 -7.94 -16.87
C CYS A 333 -18.33 -9.13 -15.97
N TYR A 334 -19.49 -9.09 -15.34
CA TYR A 334 -19.96 -10.21 -14.52
C TYR A 334 -20.39 -11.38 -15.40
N ALA A 335 -20.67 -11.07 -16.66
CA ALA A 335 -21.07 -12.10 -17.62
C ALA A 335 -19.85 -12.58 -18.43
N GLU A 336 -18.81 -11.76 -18.44
CA GLU A 336 -17.60 -12.07 -19.19
C GLU A 336 -16.61 -12.89 -18.36
N GLU A 337 -16.04 -13.92 -18.99
CA GLU A 337 -15.07 -14.79 -18.33
C GLU A 337 -13.66 -14.20 -18.38
N THR A 338 -13.44 -13.29 -19.32
CA THR A 338 -12.14 -12.67 -19.49
C THR A 338 -12.07 -11.32 -18.79
N CYS A 339 -13.20 -10.86 -18.26
CA CYS A 339 -13.24 -9.60 -17.52
C CYS A 339 -13.38 -9.83 -16.02
N CYS A 340 -12.42 -9.31 -15.27
CA CYS A 340 -12.47 -9.38 -13.81
C CYS A 340 -12.22 -8.00 -13.22
N ASP A 341 -13.02 -7.03 -13.62
CA ASP A 341 -12.90 -5.68 -13.08
C ASP A 341 -13.69 -5.53 -11.80
N PHE A 342 -13.25 -4.60 -10.96
CA PHE A 342 -13.86 -4.42 -9.64
C PHE A 342 -14.98 -3.39 -9.69
N PHE A 343 -16.17 -3.82 -10.06
CA PHE A 343 -17.34 -2.93 -10.07
C PHE A 343 -18.16 -3.10 -8.81
N THR A 344 -18.41 -1.99 -8.11
CA THR A 344 -19.24 -2.00 -6.92
C THR A 344 -20.24 -0.86 -6.94
N ASN A 345 -21.24 -0.92 -6.07
CA ASN A 345 -22.21 0.15 -5.93
C ASN A 345 -21.76 1.17 -4.88
N GLN A 346 -22.53 2.25 -4.73
CA GLN A 346 -22.19 3.27 -3.75
C GLN A 346 -22.17 2.71 -2.34
N ALA A 347 -23.07 1.77 -2.07
CA ALA A 347 -23.20 1.17 -0.74
C ALA A 347 -21.93 0.44 -0.33
N TYR A 348 -21.55 -0.58 -1.08
CA TYR A 348 -20.41 -1.40 -0.73
C TYR A 348 -19.09 -0.63 -0.78
N ALA A 349 -18.99 0.30 -1.72
CA ALA A 349 -17.76 1.08 -1.87
C ALA A 349 -17.48 1.92 -0.63
N ILE A 350 -18.52 2.51 -0.07
CA ILE A 350 -18.39 3.31 1.14
C ILE A 350 -18.30 2.42 2.37
N ALA A 351 -19.17 1.43 2.46
CA ALA A 351 -19.22 0.51 3.59
C ALA A 351 -17.88 -0.20 3.81
N SER A 352 -17.26 -0.64 2.73
CA SER A 352 -15.99 -1.34 2.83
C SER A 352 -14.87 -0.37 3.21
N SER A 353 -14.83 0.78 2.55
CA SER A 353 -13.80 1.78 2.79
C SER A 353 -13.74 2.25 4.23
N ILE A 354 -14.91 2.46 4.83
CA ILE A 354 -15.00 2.88 6.23
C ILE A 354 -14.42 1.82 7.16
N VAL A 355 -14.79 0.57 6.92
CA VAL A 355 -14.34 -0.55 7.75
C VAL A 355 -12.91 -0.97 7.44
N SER A 356 -12.59 -1.07 6.15
CA SER A 356 -11.26 -1.51 5.73
C SER A 356 -10.19 -0.48 6.04
N PHE A 357 -10.51 0.80 5.88
CA PHE A 357 -9.49 1.83 5.95
C PHE A 357 -9.75 2.98 6.93
N TYR A 358 -10.88 3.66 6.76
CA TYR A 358 -11.14 4.90 7.48
C TYR A 358 -11.25 4.76 9.00
N VAL A 359 -12.02 3.79 9.48
CA VAL A 359 -12.12 3.54 10.91
C VAL A 359 -10.77 3.21 11.56
N PRO A 360 -10.00 2.29 10.96
CA PRO A 360 -8.65 2.09 11.51
C PRO A 360 -7.79 3.35 11.40
N LEU A 361 -7.96 4.11 10.32
CA LEU A 361 -7.19 5.33 10.12
C LEU A 361 -7.44 6.35 11.23
N VAL A 362 -8.71 6.53 11.59
CA VAL A 362 -9.09 7.44 12.65
C VAL A 362 -8.50 7.02 13.99
N ILE A 363 -8.66 5.75 14.32
CA ILE A 363 -8.14 5.19 15.57
C ILE A 363 -6.62 5.32 15.64
N MET A 364 -5.94 4.92 14.57
CA MET A 364 -4.48 4.96 14.53
C MET A 364 -3.92 6.38 14.72
N VAL A 365 -4.62 7.37 14.17
CA VAL A 365 -4.22 8.76 14.32
C VAL A 365 -4.47 9.25 15.75
N PHE A 366 -5.67 8.99 16.25
CA PHE A 366 -6.06 9.41 17.60
C PHE A 366 -5.17 8.77 18.66
N VAL A 367 -4.86 7.49 18.48
CA VAL A 367 -4.02 6.76 19.43
C VAL A 367 -2.59 7.30 19.45
N TYR A 368 -1.99 7.44 18.27
CA TYR A 368 -0.62 7.93 18.16
C TYR A 368 -0.51 9.39 18.55
N SER A 369 -1.62 10.12 18.49
CA SER A 369 -1.65 11.50 18.93
C SER A 369 -1.57 11.56 20.45
N ARG A 370 -2.34 10.69 21.11
CA ARG A 370 -2.33 10.58 22.57
C ARG A 370 -0.95 10.18 23.09
N VAL A 371 -0.23 9.40 22.30
CA VAL A 371 1.12 8.98 22.66
C VAL A 371 2.06 10.18 22.69
N PHE A 372 1.99 11.01 21.66
CA PHE A 372 2.78 12.23 21.61
C PHE A 372 2.26 13.24 22.62
N GLN A 373 1.00 13.09 23.00
CA GLN A 373 0.36 13.99 23.96
C GLN A 373 0.75 13.67 25.40
N GLU A 374 0.57 12.42 25.79
CA GLU A 374 0.80 12.00 27.17
C GLU A 374 2.28 11.82 27.48
N ALA A 375 3.13 12.06 26.47
CA ALA A 375 4.58 12.00 26.67
C ALA A 375 5.11 13.36 27.12
N LYS A 376 4.37 14.41 26.83
CA LYS A 376 4.74 15.76 27.26
C LYS A 376 4.36 15.97 28.72
N ARG A 377 3.34 15.25 29.17
CA ARG A 377 2.87 15.33 30.55
C ARG A 377 3.29 14.12 31.37
N GLN A 378 4.56 14.08 31.76
CA GLN A 378 5.08 13.02 32.62
C GLN A 378 5.78 13.63 33.82
N LEU A 379 6.31 12.78 34.70
CA LEU A 379 7.01 13.25 35.90
C LEU A 379 8.44 13.66 35.57
N GLN A 380 8.58 14.66 34.69
CA GLN A 380 9.88 15.15 34.28
C GLN A 380 9.79 16.56 33.70
N LYS A 384 14.29 18.21 29.01
CA LYS A 384 14.87 19.54 28.73
C LYS A 384 15.58 19.56 27.37
N PHE A 385 14.78 19.48 26.31
CA PHE A 385 15.28 19.55 24.92
C PHE A 385 16.20 18.40 24.54
N ALA A 386 15.80 17.17 24.85
CA ALA A 386 16.61 16.00 24.50
C ALA A 386 16.33 15.54 23.07
N LEU A 387 17.24 14.75 22.52
CA LEU A 387 17.14 14.29 21.13
C LEU A 387 16.49 12.92 21.02
N LYS A 388 16.20 12.31 22.17
CA LYS A 388 15.57 11.00 22.19
C LYS A 388 14.10 11.09 21.81
N GLU A 389 13.51 12.26 22.04
CA GLU A 389 12.11 12.50 21.69
C GLU A 389 11.97 12.93 20.23
N HIS A 390 13.04 13.53 19.70
CA HIS A 390 13.07 13.94 18.30
C HIS A 390 13.16 12.73 17.40
N LYS A 391 13.98 11.76 17.82
CA LYS A 391 14.14 10.51 17.07
C LYS A 391 12.88 9.67 17.13
N ALA A 392 12.23 9.67 18.30
CA ALA A 392 11.00 8.92 18.50
C ALA A 392 9.86 9.52 17.66
N LEU A 393 9.97 10.82 17.40
CA LEU A 393 8.98 11.53 16.59
C LEU A 393 9.11 11.13 15.13
N LYS A 394 10.34 10.90 14.68
CA LYS A 394 10.59 10.46 13.32
C LYS A 394 10.07 9.04 13.11
N THR A 395 10.14 8.24 14.17
CA THR A 395 9.69 6.85 14.12
C THR A 395 8.20 6.78 13.79
N LEU A 396 7.38 7.48 14.56
CA LEU A 396 5.94 7.50 14.33
C LEU A 396 5.59 8.19 13.01
N GLY A 397 6.47 9.09 12.56
CA GLY A 397 6.30 9.75 11.28
C GLY A 397 6.50 8.77 10.13
N ILE A 398 7.26 7.72 10.39
CA ILE A 398 7.51 6.69 9.39
C ILE A 398 6.43 5.60 9.47
N ILE A 399 6.10 5.19 10.70
CA ILE A 399 5.06 4.19 10.92
C ILE A 399 3.74 4.63 10.32
N MET A 400 3.30 5.83 10.69
CA MET A 400 2.02 6.36 10.25
C MET A 400 2.10 6.94 8.84
N GLY A 401 3.24 7.54 8.52
CA GLY A 401 3.45 8.15 7.22
C GLY A 401 3.41 7.15 6.08
N THR A 402 4.05 6.00 6.29
CA THR A 402 4.10 4.95 5.28
C THR A 402 2.70 4.41 5.00
N PHE A 403 1.99 4.06 6.07
CA PHE A 403 0.63 3.54 5.96
C PHE A 403 -0.28 4.53 5.25
N THR A 404 -0.08 5.82 5.53
CA THR A 404 -0.85 6.88 4.89
C THR A 404 -0.49 7.00 3.41
N LEU A 405 0.80 7.17 3.14
CA LEU A 405 1.28 7.39 1.78
C LEU A 405 0.97 6.22 0.84
N CYS A 406 0.66 5.06 1.41
CA CYS A 406 0.40 3.87 0.61
C CYS A 406 -1.08 3.63 0.32
N TRP A 407 -1.91 3.69 1.36
CA TRP A 407 -3.32 3.35 1.20
C TRP A 407 -4.25 4.54 0.99
N LEU A 408 -3.95 5.67 1.63
CA LEU A 408 -4.79 6.86 1.53
C LEU A 408 -5.12 7.33 0.10
N PRO A 409 -4.12 7.35 -0.81
CA PRO A 409 -4.44 7.75 -2.18
C PRO A 409 -5.49 6.85 -2.83
N PHE A 410 -5.46 5.56 -2.52
CA PHE A 410 -6.40 4.62 -3.13
C PHE A 410 -7.83 4.79 -2.61
N PHE A 411 -8.00 4.71 -1.29
CA PHE A 411 -9.33 4.74 -0.70
C PHE A 411 -10.05 6.07 -0.86
N ILE A 412 -9.28 7.15 -1.03
CA ILE A 412 -9.88 8.44 -1.36
C ILE A 412 -10.44 8.38 -2.78
N VAL A 413 -9.61 7.92 -3.71
CA VAL A 413 -10.04 7.74 -5.10
C VAL A 413 -11.17 6.73 -5.19
N ASN A 414 -11.07 5.64 -4.43
CA ASN A 414 -12.12 4.62 -4.39
C ASN A 414 -13.47 5.20 -3.99
N ILE A 415 -13.46 6.23 -3.17
CA ILE A 415 -14.68 6.89 -2.72
C ILE A 415 -15.14 7.96 -3.72
N VAL A 416 -14.19 8.51 -4.46
CA VAL A 416 -14.48 9.48 -5.50
C VAL A 416 -14.90 8.76 -6.77
N HIS A 417 -14.38 7.54 -6.93
CA HIS A 417 -14.68 6.68 -8.08
C HIS A 417 -16.18 6.41 -8.21
N VAL A 418 -16.91 6.54 -7.11
CA VAL A 418 -18.32 6.17 -7.08
C VAL A 418 -19.25 7.35 -6.82
N ILE A 419 -18.75 8.38 -6.16
CA ILE A 419 -19.56 9.55 -5.82
C ILE A 419 -20.05 10.27 -7.08
N GLN A 420 -19.27 10.17 -8.15
CA GLN A 420 -19.63 10.75 -9.43
C GLN A 420 -19.19 9.77 -10.52
N ASP A 421 -19.80 9.88 -11.70
CA ASP A 421 -19.38 9.06 -12.82
C ASP A 421 -17.92 9.35 -13.11
N ASN A 422 -17.15 8.29 -13.39
CA ASN A 422 -15.69 8.36 -13.42
C ASN A 422 -15.07 9.49 -14.23
N LEU A 423 -14.46 10.43 -13.52
CA LEU A 423 -13.61 11.44 -14.13
C LEU A 423 -12.17 11.09 -13.79
N ILE A 424 -12.02 10.00 -13.04
CA ILE A 424 -10.71 9.49 -12.66
C ILE A 424 -10.36 8.23 -13.46
N ARG A 425 -9.23 8.28 -14.16
CA ARG A 425 -8.82 7.20 -15.05
C ARG A 425 -8.66 5.86 -14.33
N LYS A 426 -8.93 4.76 -15.04
CA LYS A 426 -8.78 3.43 -14.47
C LYS A 426 -7.31 3.09 -14.26
N GLU A 427 -6.46 3.65 -15.11
CA GLU A 427 -5.01 3.47 -14.99
C GLU A 427 -4.55 3.92 -13.61
N VAL A 428 -5.10 5.05 -13.17
CA VAL A 428 -4.78 5.59 -11.85
C VAL A 428 -5.37 4.71 -10.75
N TYR A 429 -6.54 4.15 -11.02
CA TYR A 429 -7.25 3.35 -10.02
C TYR A 429 -6.46 2.08 -9.65
N ILE A 430 -5.93 1.41 -10.66
CA ILE A 430 -5.18 0.19 -10.44
C ILE A 430 -3.79 0.48 -9.87
N LEU A 431 -3.19 1.57 -10.34
CA LEU A 431 -1.87 1.99 -9.86
C LEU A 431 -1.87 2.28 -8.36
N LEU A 432 -2.90 3.00 -7.91
CA LEU A 432 -2.99 3.40 -6.51
C LEU A 432 -3.33 2.23 -5.60
N ASN A 433 -3.89 1.17 -6.18
CA ASN A 433 -4.15 -0.06 -5.43
C ASN A 433 -2.84 -0.77 -5.15
N TRP A 434 -1.93 -0.69 -6.12
CA TRP A 434 -0.62 -1.32 -5.98
C TRP A 434 0.28 -0.56 -5.01
N ILE A 435 0.11 0.74 -4.92
CA ILE A 435 0.84 1.55 -3.94
C ILE A 435 0.41 1.10 -2.54
N GLY A 436 -0.84 0.66 -2.42
CA GLY A 436 -1.33 0.08 -1.19
C GLY A 436 -0.83 -1.34 -1.02
N TYR A 437 -0.66 -2.04 -2.14
CA TYR A 437 -0.19 -3.42 -2.13
C TYR A 437 1.21 -3.55 -1.54
N VAL A 438 2.07 -2.58 -1.84
CA VAL A 438 3.47 -2.64 -1.41
C VAL A 438 3.63 -2.32 0.07
N ASN A 439 2.55 -1.86 0.71
CA ASN A 439 2.56 -1.63 2.14
C ASN A 439 2.71 -2.94 2.91
N SER A 440 2.25 -4.02 2.29
CA SER A 440 2.36 -5.36 2.87
C SER A 440 3.79 -5.86 2.84
N GLY A 441 4.66 -5.15 2.13
CA GLY A 441 6.08 -5.47 2.09
C GLY A 441 6.86 -4.58 3.04
N PHE A 442 6.37 -3.35 3.22
CA PHE A 442 7.02 -2.39 4.10
C PHE A 442 6.82 -2.72 5.57
N ASN A 443 5.73 -3.42 5.87
CA ASN A 443 5.38 -3.74 7.26
C ASN A 443 6.46 -4.46 8.08
N PRO A 444 7.08 -5.54 7.55
CA PRO A 444 8.14 -6.17 8.33
C PRO A 444 9.35 -5.26 8.52
N LEU A 445 9.47 -4.23 7.69
CA LEU A 445 10.57 -3.28 7.81
C LEU A 445 10.21 -2.13 8.74
N ILE A 446 9.05 -2.23 9.36
CA ILE A 446 8.57 -1.19 10.27
C ILE A 446 8.24 -1.78 11.65
N TYR A 447 7.66 -2.98 11.65
CA TYR A 447 7.15 -3.58 12.87
C TYR A 447 7.99 -4.76 13.37
N CYS A 448 9.22 -4.87 12.86
CA CYS A 448 10.11 -5.95 13.28
C CYS A 448 11.56 -5.48 13.41
N ARG A 449 11.73 -4.25 13.90
CA ARG A 449 13.07 -3.69 14.04
C ARG A 449 13.60 -3.84 15.47
N SER A 450 12.93 -4.67 16.26
CA SER A 450 13.34 -4.89 17.65
C SER A 450 14.62 -5.69 17.70
N PRO A 451 15.45 -5.47 18.74
CA PRO A 451 16.71 -6.21 18.91
C PRO A 451 16.49 -7.72 18.92
N ASP A 452 15.35 -8.17 19.43
CA ASP A 452 15.03 -9.59 19.43
C ASP A 452 14.70 -10.09 18.03
N PHE A 453 13.99 -9.27 17.26
CA PHE A 453 13.73 -9.60 15.86
C PHE A 453 15.02 -9.56 15.05
N ARG A 454 15.87 -8.59 15.37
CA ARG A 454 17.16 -8.43 14.69
C ARG A 454 18.01 -9.68 14.82
N ILE A 455 18.13 -10.19 16.05
CA ILE A 455 18.92 -11.38 16.32
C ILE A 455 18.26 -12.62 15.71
N ALA A 456 16.94 -12.65 15.74
CA ALA A 456 16.19 -13.76 15.16
C ALA A 456 16.38 -13.84 13.66
N PHE A 457 16.29 -12.68 13.00
CA PHE A 457 16.44 -12.62 11.55
C PHE A 457 17.84 -13.03 11.12
N GLN A 458 18.83 -12.71 11.95
CA GLN A 458 20.22 -13.04 11.64
C GLN A 458 20.45 -14.54 11.69
N GLU A 459 19.88 -15.20 12.69
CA GLU A 459 20.09 -16.63 12.90
C GLU A 459 19.22 -17.48 11.98
N LEU A 460 18.11 -16.91 11.52
CA LEU A 460 17.22 -17.62 10.61
C LEU A 460 17.84 -17.85 9.23
N LEU A 461 18.90 -17.11 8.93
CA LEU A 461 19.59 -17.25 7.66
C LEU A 461 21.11 -17.29 7.82
N CYS A 462 21.57 -17.21 9.07
CA CYS A 462 22.99 -17.31 9.41
C CYS A 462 23.88 -16.37 8.61
N LEU A 463 23.65 -15.06 8.77
CA LEU A 463 24.43 -14.06 8.06
C LEU A 463 25.77 -13.82 8.75
N GLN B 1 23.51 5.08 24.56
CA GLN B 1 24.79 5.34 25.22
C GLN B 1 24.60 6.14 26.49
N VAL B 2 23.72 5.67 27.37
CA VAL B 2 23.51 6.30 28.67
C VAL B 2 24.06 5.40 29.78
N GLN B 3 24.10 5.92 31.00
CA GLN B 3 24.68 5.19 32.11
C GLN B 3 23.71 5.02 33.27
N LEU B 4 23.95 3.99 34.09
CA LEU B 4 23.13 3.74 35.27
C LEU B 4 24.04 3.54 36.50
N GLN B 5 23.90 4.43 37.48
CA GLN B 5 24.74 4.38 38.67
C GLN B 5 24.01 3.78 39.87
N GLU B 6 24.40 2.56 40.24
CA GLU B 6 23.78 1.87 41.37
C GLU B 6 24.56 2.12 42.66
N SER B 7 23.84 2.14 43.79
CA SER B 7 24.45 2.34 45.10
C SER B 7 23.49 1.97 46.22
N GLY B 8 24.03 1.38 47.28
CA GLY B 8 23.23 1.04 48.44
C GLY B 8 23.47 -0.36 48.97
N GLY B 9 23.69 -1.31 48.07
CA GLY B 9 23.88 -2.70 48.45
C GLY B 9 24.99 -2.93 49.45
N GLY B 10 24.75 -3.82 50.40
CA GLY B 10 25.73 -4.15 51.40
C GLY B 10 25.24 -5.26 52.31
N LEU B 11 25.93 -5.46 53.44
CA LEU B 11 25.53 -6.46 54.41
C LEU B 11 24.56 -5.87 55.42
N VAL B 12 23.51 -6.61 55.73
CA VAL B 12 22.53 -6.21 56.73
C VAL B 12 22.07 -7.41 57.55
N GLN B 13 21.58 -7.15 58.76
CA GLN B 13 21.05 -8.22 59.60
C GLN B 13 19.62 -8.54 59.17
N ALA B 14 19.16 -9.74 59.53
CA ALA B 14 17.82 -10.19 59.15
C ALA B 14 16.73 -9.31 59.75
N GLY B 15 15.98 -8.63 58.89
CA GLY B 15 14.92 -7.75 59.34
C GLY B 15 15.31 -6.29 59.20
N GLY B 16 16.59 -6.04 58.97
CA GLY B 16 17.09 -4.69 58.82
C GLY B 16 16.61 -4.03 57.53
N SER B 17 16.69 -2.70 57.48
CA SER B 17 16.23 -1.95 56.33
C SER B 17 17.39 -1.46 55.47
N LEU B 18 17.17 -1.43 54.15
CA LEU B 18 18.21 -1.04 53.22
C LEU B 18 17.61 -0.18 52.10
N ARG B 19 18.36 0.81 51.63
CA ARG B 19 17.90 1.69 50.57
C ARG B 19 18.81 1.62 49.35
N LEU B 20 18.24 1.24 48.21
CA LEU B 20 18.98 1.20 46.95
C LEU B 20 18.78 2.49 46.17
N SER B 21 19.60 2.70 45.15
CA SER B 21 19.51 3.89 44.33
C SER B 21 20.08 3.65 42.94
N CYS B 22 19.49 4.30 41.94
CA CYS B 22 19.97 4.17 40.57
C CYS B 22 19.81 5.46 39.78
N ALA B 23 20.91 6.15 39.54
CA ALA B 23 20.91 7.40 38.79
C ALA B 23 21.08 7.12 37.30
N ALA B 24 20.13 7.62 36.50
CA ALA B 24 20.16 7.40 35.05
C ALA B 24 20.80 8.58 34.32
N SER B 25 22.11 8.52 34.13
CA SER B 25 22.84 9.56 33.43
C SER B 25 22.73 9.38 31.91
N GLY B 26 22.17 10.37 31.24
CA GLY B 26 22.00 10.32 29.80
C GLY B 26 20.64 10.84 29.38
N SER B 27 20.28 10.59 28.11
CA SER B 27 19.00 11.05 27.58
C SER B 27 18.05 9.87 27.32
N ILE B 28 16.98 9.81 28.09
CA ILE B 28 15.99 8.75 27.96
C ILE B 28 14.68 9.32 27.46
N PHE B 29 13.93 8.53 26.68
CA PHE B 29 12.62 8.92 26.20
C PHE B 29 11.70 9.17 27.39
N ALA B 30 10.76 10.10 27.22
CA ALA B 30 9.86 10.53 28.29
C ALA B 30 9.09 9.36 28.90
N LEU B 31 8.52 8.51 28.06
CA LEU B 31 7.76 7.36 28.52
C LEU B 31 8.67 6.16 28.75
N ASN B 32 8.79 5.75 30.01
CA ASN B 32 9.70 4.67 30.38
C ASN B 32 9.29 3.93 31.64
N ILE B 33 9.94 2.79 31.89
CA ILE B 33 9.73 2.03 33.12
C ILE B 33 11.06 1.71 33.79
N MET B 34 11.33 2.38 34.91
CA MET B 34 12.53 2.09 35.69
C MET B 34 12.18 1.13 36.81
N GLY B 35 13.11 0.25 37.16
CA GLY B 35 12.86 -0.74 38.19
C GLY B 35 14.09 -1.53 38.61
N TRP B 36 13.85 -2.65 39.28
CA TRP B 36 14.93 -3.49 39.79
C TRP B 36 14.66 -4.97 39.57
N TYR B 37 15.71 -5.71 39.23
CA TYR B 37 15.63 -7.16 39.08
C TYR B 37 16.67 -7.81 39.98
N ARG B 38 16.43 -9.05 40.40
CA ARG B 38 17.36 -9.74 41.27
C ARG B 38 17.62 -11.18 40.82
N GLN B 39 18.79 -11.70 41.19
CA GLN B 39 19.11 -13.11 40.94
C GLN B 39 19.49 -13.82 42.23
N ALA B 40 18.55 -14.56 42.79
CA ALA B 40 18.81 -15.38 43.96
C ALA B 40 19.73 -16.53 43.58
N PRO B 41 20.57 -16.99 44.52
CA PRO B 41 21.48 -18.12 44.26
C PRO B 41 20.73 -19.36 43.80
N GLY B 42 20.92 -19.73 42.54
CA GLY B 42 20.28 -20.91 41.98
C GLY B 42 18.86 -20.66 41.51
N LYS B 43 18.54 -19.39 41.25
CA LYS B 43 17.21 -19.01 40.78
C LYS B 43 17.30 -18.05 39.59
N GLN B 44 16.28 -18.07 38.75
CA GLN B 44 16.25 -17.20 37.57
C GLN B 44 16.04 -15.74 37.96
N ARG B 45 16.36 -14.84 37.04
CA ARG B 45 16.25 -13.40 37.30
C ARG B 45 14.79 -12.98 37.47
N GLU B 46 14.50 -12.35 38.61
CA GLU B 46 13.12 -12.04 38.99
C GLU B 46 12.91 -10.53 39.12
N LEU B 47 11.68 -10.08 38.85
CA LEU B 47 11.34 -8.67 38.98
C LEU B 47 11.04 -8.30 40.42
N VAL B 48 11.83 -7.39 40.98
CA VAL B 48 11.62 -6.93 42.35
C VAL B 48 10.53 -5.87 42.42
N ALA B 49 10.86 -4.69 41.90
CA ALA B 49 9.92 -3.57 41.88
C ALA B 49 10.17 -2.73 40.64
N ALA B 50 9.12 -2.11 40.13
CA ALA B 50 9.23 -1.29 38.92
C ALA B 50 8.25 -0.12 38.96
N ILE B 51 8.72 1.05 38.54
CA ILE B 51 7.87 2.23 38.50
C ILE B 51 7.87 2.89 37.12
N HIS B 52 6.68 3.08 36.57
CA HIS B 52 6.51 3.73 35.28
C HIS B 52 6.85 5.21 35.39
N SER B 53 7.05 5.86 34.24
CA SER B 53 7.33 7.30 34.22
C SER B 53 6.10 8.11 34.61
N GLY B 54 4.96 7.43 34.70
CA GLY B 54 3.71 8.06 35.06
C GLY B 54 3.33 7.80 36.51
N GLY B 55 4.33 7.53 37.34
CA GLY B 55 4.12 7.40 38.77
C GLY B 55 3.71 6.03 39.26
N THR B 56 2.89 5.32 38.48
CA THR B 56 2.40 4.01 38.89
C THR B 56 3.53 3.01 39.12
N THR B 57 3.32 2.06 40.03
CA THR B 57 4.36 1.11 40.39
C THR B 57 3.90 -0.33 40.25
N ASN B 58 4.83 -1.27 40.45
CA ASN B 58 4.53 -2.69 40.39
C ASN B 58 5.58 -3.50 41.17
N TYR B 59 5.11 -4.41 42.01
CA TYR B 59 6.00 -5.23 42.83
C TYR B 59 5.73 -6.72 42.60
N ALA B 60 6.62 -7.55 43.14
CA ALA B 60 6.44 -9.00 43.09
C ALA B 60 5.59 -9.46 44.27
N ASN B 61 5.04 -10.66 44.18
CA ASN B 61 4.17 -11.19 45.23
C ASN B 61 4.92 -11.54 46.52
N SER B 62 6.24 -11.62 46.44
CA SER B 62 7.06 -11.99 47.59
C SER B 62 7.69 -10.78 48.27
N VAL B 63 7.47 -9.60 47.68
CA VAL B 63 8.05 -8.37 48.22
C VAL B 63 7.01 -7.27 48.43
N LYS B 64 5.81 -7.49 47.89
CA LYS B 64 4.73 -6.51 48.03
C LYS B 64 4.29 -6.41 49.47
N GLY B 65 4.56 -5.26 50.09
CA GLY B 65 4.21 -5.03 51.49
C GLY B 65 5.45 -4.79 52.33
N ARG B 66 6.61 -5.10 51.75
CA ARG B 66 7.88 -4.90 52.44
C ARG B 66 8.76 -3.93 51.64
N PHE B 67 8.71 -4.02 50.32
CA PHE B 67 9.49 -3.14 49.46
C PHE B 67 8.64 -2.00 48.92
N THR B 68 9.20 -0.80 48.91
CA THR B 68 8.49 0.38 48.43
C THR B 68 9.35 1.17 47.45
N ILE B 69 8.94 1.18 46.18
CA ILE B 69 9.71 1.86 45.15
C ILE B 69 9.22 3.29 44.90
N SER B 70 10.14 4.17 44.57
CA SER B 70 9.83 5.58 44.32
C SER B 70 10.93 6.19 43.47
N ARG B 71 10.68 7.38 42.95
CA ARG B 71 11.66 8.05 42.09
C ARG B 71 11.78 9.54 42.36
N ASP B 72 12.89 10.12 41.91
CA ASP B 72 13.15 11.55 42.10
C ASP B 72 12.24 12.36 41.21
N ASN B 73 12.29 13.68 41.34
CA ASN B 73 11.39 14.57 40.61
C ASN B 73 11.85 14.87 39.19
N ALA B 74 13.16 14.97 38.97
CA ALA B 74 13.67 15.34 37.66
C ALA B 74 15.02 14.70 37.32
N ALA B 75 15.68 14.11 38.32
CA ALA B 75 17.02 13.58 38.13
C ALA B 75 17.02 12.14 37.60
N ASN B 76 15.83 11.60 37.36
CA ASN B 76 15.68 10.22 36.90
C ASN B 76 16.38 9.21 37.81
N THR B 77 16.27 9.42 39.12
CA THR B 77 16.90 8.54 40.09
C THR B 77 15.85 7.79 40.89
N VAL B 78 15.84 6.47 40.75
CA VAL B 78 14.85 5.64 41.43
C VAL B 78 15.41 5.05 42.73
N TYR B 79 14.68 5.24 43.82
CA TYR B 79 15.07 4.70 45.12
C TYR B 79 14.22 3.50 45.47
N LEU B 80 14.85 2.46 46.02
CA LEU B 80 14.13 1.26 46.42
C LEU B 80 14.24 1.01 47.92
N GLN B 81 13.20 1.41 48.66
CA GLN B 81 13.15 1.17 50.09
C GLN B 81 12.93 -0.32 50.35
N MET B 82 13.86 -0.94 51.05
CA MET B 82 13.75 -2.36 51.38
C MET B 82 13.69 -2.57 52.89
N ASN B 83 12.50 -2.91 53.39
CA ASN B 83 12.30 -3.09 54.82
C ASN B 83 11.95 -4.54 55.18
N SER B 84 12.26 -4.93 56.41
CA SER B 84 12.00 -6.28 56.90
C SER B 84 12.61 -7.36 55.99
N LEU B 85 13.89 -7.22 55.71
CA LEU B 85 14.59 -8.10 54.77
C LEU B 85 14.64 -9.55 55.26
N LYS B 86 14.58 -10.48 54.30
CA LYS B 86 14.62 -11.90 54.60
C LYS B 86 15.92 -12.50 54.06
N PRO B 87 16.34 -13.66 54.60
CA PRO B 87 17.55 -14.30 54.09
C PRO B 87 17.40 -14.79 52.66
N GLU B 88 16.17 -14.91 52.19
CA GLU B 88 15.90 -15.34 50.82
C GLU B 88 15.82 -14.15 49.87
N ASP B 89 15.93 -12.95 50.43
CA ASP B 89 16.00 -11.73 49.62
C ASP B 89 17.45 -11.46 49.24
N THR B 90 18.36 -12.24 49.81
CA THR B 90 19.77 -12.15 49.48
C THR B 90 19.98 -12.49 48.01
N ALA B 91 20.31 -11.48 47.21
CA ALA B 91 20.50 -11.69 45.79
C ALA B 91 21.30 -10.56 45.15
N VAL B 92 21.44 -10.63 43.83
CA VAL B 92 22.14 -9.60 43.07
C VAL B 92 21.13 -8.70 42.40
N TYR B 93 20.96 -7.50 42.94
CA TYR B 93 19.93 -6.57 42.45
C TYR B 93 20.45 -5.69 41.32
N TYR B 94 19.84 -5.83 40.15
CA TYR B 94 20.22 -5.06 38.97
C TYR B 94 19.27 -3.88 38.77
N CYS B 95 19.82 -2.77 38.29
CA CYS B 95 18.98 -1.63 37.89
C CYS B 95 18.52 -1.85 36.46
N ASN B 96 17.35 -1.30 36.13
CA ASN B 96 16.76 -1.54 34.81
C ASN B 96 15.94 -0.36 34.29
N VAL B 97 16.07 -0.08 33.00
CA VAL B 97 15.31 0.99 32.37
C VAL B 97 14.70 0.54 31.05
N LYS B 98 13.37 0.53 31.00
CA LYS B 98 12.64 0.20 29.77
C LYS B 98 12.32 1.46 28.98
N ASP B 99 13.01 1.66 27.85
CA ASP B 99 12.75 2.80 27.00
C ASP B 99 11.66 2.46 25.97
N PHE B 100 10.87 3.45 25.59
CA PHE B 100 9.75 3.22 24.67
C PHE B 100 9.84 4.06 23.40
N GLY B 101 10.97 4.71 23.19
CA GLY B 101 11.16 5.61 22.06
C GLY B 101 10.97 4.99 20.69
N ALA B 102 11.00 3.66 20.64
CA ALA B 102 10.79 2.94 19.39
C ALA B 102 9.32 2.66 19.15
N ILE B 103 8.50 2.95 20.16
CA ILE B 103 7.05 2.81 20.10
C ILE B 103 6.56 1.36 19.92
N ILE B 104 7.02 0.70 18.86
CA ILE B 104 6.59 -0.67 18.59
C ILE B 104 7.22 -1.65 19.57
N TYR B 105 8.48 -1.44 19.89
CA TYR B 105 9.19 -2.29 20.85
C TYR B 105 9.82 -1.47 21.97
N ASP B 106 10.47 -2.16 22.90
CA ASP B 106 11.08 -1.51 24.05
C ASP B 106 12.53 -1.91 24.23
N TYR B 107 13.43 -0.93 24.13
CA TYR B 107 14.85 -1.18 24.31
C TYR B 107 15.22 -1.15 25.79
N ASP B 108 16.10 -2.05 26.21
CA ASP B 108 16.46 -2.19 27.62
C ASP B 108 17.85 -1.68 27.95
N TYR B 109 17.94 -0.92 29.05
CA TYR B 109 19.23 -0.53 29.60
C TYR B 109 19.41 -1.25 30.93
N TRP B 110 20.65 -1.57 31.28
CA TRP B 110 20.92 -2.28 32.53
C TRP B 110 22.07 -1.64 33.31
N GLY B 111 22.26 -2.09 34.55
CA GLY B 111 23.30 -1.57 35.41
C GLY B 111 24.34 -2.61 35.77
N GLN B 112 25.36 -2.20 36.51
CA GLN B 112 26.44 -3.09 36.89
C GLN B 112 25.97 -4.15 37.88
N GLY B 113 24.99 -3.79 38.70
CA GLY B 113 24.46 -4.70 39.70
C GLY B 113 25.08 -4.51 41.06
N THR B 114 24.31 -4.76 42.10
CA THR B 114 24.80 -4.65 43.47
C THR B 114 24.50 -5.91 44.27
N GLN B 115 25.40 -6.26 45.18
CA GLN B 115 25.24 -7.43 46.01
C GLN B 115 24.54 -7.07 47.31
N VAL B 116 23.46 -7.78 47.62
CA VAL B 116 22.75 -7.56 48.87
C VAL B 116 22.66 -8.86 49.67
N THR B 117 23.29 -8.87 50.83
CA THR B 117 23.36 -10.08 51.65
C THR B 117 22.63 -9.91 52.98
N VAL B 118 21.74 -10.85 53.29
CA VAL B 118 20.99 -10.84 54.54
C VAL B 118 21.41 -12.00 55.43
N SER B 119 21.98 -11.69 56.59
CA SER B 119 22.46 -12.72 57.51
C SER B 119 21.30 -13.45 58.19
N SER B 120 21.10 -14.71 57.81
CA SER B 120 20.04 -15.53 58.38
C SER B 120 20.29 -15.81 59.86
NA NA C . -16.27 -11.98 -14.37
NA NA D . 1.86 -15.76 -34.25
CAJ 35V E . -11.12 -2.76 -2.24
CAU 35V E . -11.98 -2.66 -1.15
OAC 35V E . -13.14 -1.96 -1.20
CAT 35V E . -11.67 -3.27 0.06
OAB 35V E . -12.55 -3.12 1.08
CAF 35V E . -10.50 -4.00 0.21
CAH 35V E . -9.65 -4.11 -0.89
CAW 35V E . -9.97 -3.50 -2.10
CAZ 35V E . -9.07 -3.63 -3.16
OAD 35V E . -7.77 -4.05 -2.73
CAP 35V E . -9.55 -4.55 -4.29
NAQ 35V E . -8.39 -4.53 -5.17
CAM 35V E . -8.27 -5.11 -6.52
CAO 35V E . -9.27 -4.53 -7.54
CAV 35V E . -8.92 -5.02 -8.80
CAK 35V E . -7.56 -5.16 -9.05
CAY 35V E . -7.13 -5.59 -10.29
OAR 35V E . -5.81 -5.78 -10.60
CAA 35V E . -4.95 -5.48 -9.49
CAG 35V E . -9.85 -5.31 -9.79
CAI 35V E . -9.41 -5.76 -11.04
CAX 35V E . -8.05 -5.90 -11.28
OAS 35V E . -7.54 -6.35 -12.46
CAN 35V E . -8.60 -6.63 -13.38
CAL 35V E . -8.18 -7.78 -14.30
SAE 35V E . -6.66 -7.38 -15.25
#